data_6A56
#
_entry.id   6A56
#
_cell.length_a   38.079
_cell.length_b   79.732
_cell.length_c   106.000
_cell.angle_alpha   90.00
_cell.angle_beta   90.00
_cell.angle_gamma   90.00
#
_symmetry.space_group_name_H-M   'P 21 21 21'
#
loop_
_entity.id
_entity.type
_entity.pdbx_description
1 polymer AJLec
2 branched beta-D-galactopyranose-(1-4)-beta-D-glucopyranose
3 non-polymer 'CALCIUM ION'
4 non-polymer '4-(2-HYDROXYETHYL)-1-PIPERAZINE ETHANESULFONIC ACID'
5 water water
#
_entity_poly.entity_id   1
_entity_poly.type   'polypeptide(L)'
_entity_poly.pdbx_seq_one_letter_code
;(PCA)RCGGWVKLNTAPVCFSAKGNRPGSFTPSHHGFLKSVKLRHLRGLVTCQSSTDAHDSYWGCKNR(SNN)GFHNYPL
NVFVTDKHNKVMFPKTGATYYLDPYVIKNRFYGVQGYNAMSPELVLQHGCNSPSDYIGPDSQLRVWYGEDLYNTMESDNS
GKVCADVFGYFV
;
_entity_poly.pdbx_strand_id   A,B
#
loop_
_chem_comp.id
_chem_comp.type
_chem_comp.name
_chem_comp.formula
BGC D-saccharide, beta linking beta-D-glucopyranose 'C6 H12 O6'
CA non-polymer 'CALCIUM ION' 'Ca 2'
EPE non-polymer '4-(2-HYDROXYETHYL)-1-PIPERAZINE ETHANESULFONIC ACID' 'C8 H18 N2 O4 S'
GAL D-saccharide, beta linking beta-D-galactopyranose 'C6 H12 O6'
#
# COMPACT_ATOMS: atom_id res chain seq x y z
N PCA A 1 8.98 8.12 8.54
CA PCA A 1 9.91 8.92 7.77
CB PCA A 1 11.22 8.95 8.60
CG PCA A 1 10.85 8.46 9.98
CD PCA A 1 9.48 7.84 9.76
OE PCA A 1 8.92 7.19 10.60
C PCA A 1 10.36 8.39 6.44
O PCA A 1 11.12 9.07 5.73
N ARG A 2 9.94 7.15 6.11
CA ARG A 2 10.37 6.55 4.87
C ARG A 2 9.15 6.06 4.10
N CYS A 3 9.17 6.30 2.81
CA CYS A 3 8.25 5.65 1.89
C CYS A 3 9.02 4.58 1.15
N GLY A 4 8.42 3.42 0.90
CA GLY A 4 9.10 2.34 0.25
C GLY A 4 10.01 1.60 1.21
N GLY A 5 11.16 1.16 0.68
CA GLY A 5 12.04 0.31 1.44
C GLY A 5 12.88 -0.53 0.53
N TRP A 6 13.56 -1.53 1.08
CA TRP A 6 13.48 -1.98 2.46
C TRP A 6 14.10 -0.95 3.39
N VAL A 7 13.51 -0.85 4.59
CA VAL A 7 14.07 -0.01 5.65
C VAL A 7 14.10 -0.85 6.92
N LYS A 8 15.25 -0.82 7.59
CA LYS A 8 15.42 -1.57 8.80
C LYS A 8 14.54 -1.00 9.90
N LEU A 9 13.77 -1.86 10.57
CA LEU A 9 12.85 -1.42 11.59
C LEU A 9 13.35 -1.60 13.04
N ASN A 10 14.27 -2.55 13.23
CA ASN A 10 14.76 -2.89 14.54
C ASN A 10 16.07 -2.14 14.77
N THR A 11 16.38 -2.00 16.05
CA THR A 11 17.61 -1.42 16.52
C THR A 11 18.54 -2.61 16.76
N ALA A 12 18.29 -3.30 17.84
CA ALA A 12 19.08 -4.44 18.23
C ALA A 12 18.53 -5.68 17.53
N PRO A 13 19.26 -6.80 17.50
CA PRO A 13 18.69 -8.04 16.94
C PRO A 13 17.38 -8.40 17.60
N VAL A 14 16.49 -8.98 16.82
CA VAL A 14 15.20 -9.41 17.28
C VAL A 14 15.26 -10.92 17.42
N CYS A 15 15.11 -11.40 18.66
CA CYS A 15 15.37 -12.83 18.94
C CYS A 15 14.14 -13.48 19.52
N PHE A 16 13.74 -14.61 18.92
CA PHE A 16 12.58 -15.36 19.36
C PHE A 16 12.96 -16.78 19.74
N SER A 17 12.32 -17.31 20.77
CA SER A 17 12.36 -18.72 21.10
C SER A 17 11.11 -19.43 20.56
N ALA A 18 11.03 -20.75 20.83
CA ALA A 18 10.00 -21.59 20.22
C ALA A 18 9.00 -22.10 21.28
N LYS A 19 9.09 -21.59 22.53
CA LYS A 19 8.19 -21.94 23.58
C LYS A 19 8.36 -20.93 24.72
N GLY A 20 7.40 -20.96 25.63
CA GLY A 20 7.50 -20.16 26.85
C GLY A 20 7.04 -18.73 26.73
N ASN A 21 6.27 -18.40 25.71
CA ASN A 21 5.81 -17.06 25.43
C ASN A 21 7.00 -16.12 25.35
N ARG A 22 7.88 -16.42 24.38
CA ARG A 22 9.12 -15.68 24.22
C ARG A 22 9.31 -15.19 22.79
N PRO A 23 8.38 -14.38 22.27
CA PRO A 23 8.59 -13.75 20.98
C PRO A 23 9.74 -12.73 21.05
N GLY A 24 10.19 -12.32 19.87
CA GLY A 24 11.09 -11.19 19.75
C GLY A 24 10.31 -9.93 19.52
N SER A 25 10.33 -9.03 20.50
CA SER A 25 9.41 -7.88 20.52
C SER A 25 10.23 -6.60 20.39
N PHE A 26 9.77 -5.64 19.61
CA PHE A 26 10.52 -4.40 19.44
C PHE A 26 9.57 -3.30 18.99
N THR A 27 10.05 -2.04 19.20
CA THR A 27 9.36 -0.86 18.76
C THR A 27 9.91 -0.42 17.40
N PRO A 28 9.13 -0.42 16.30
CA PRO A 28 9.76 -0.13 15.03
C PRO A 28 10.26 1.32 14.98
N SER A 29 11.36 1.51 14.25
CA SER A 29 12.03 2.79 14.15
C SER A 29 11.34 3.73 13.16
N HIS A 30 10.46 3.19 12.30
CA HIS A 30 9.79 3.94 11.25
C HIS A 30 8.29 3.66 11.32
N HIS A 31 7.51 4.68 10.91
CA HIS A 31 6.07 4.70 11.04
C HIS A 31 5.42 4.78 9.68
N GLY A 32 4.18 4.30 9.61
CA GLY A 32 3.46 4.27 8.36
C GLY A 32 2.67 2.99 8.23
N PHE A 33 2.23 2.70 6.98
CA PHE A 33 1.54 1.47 6.66
C PHE A 33 2.53 0.53 5.93
N LEU A 34 2.61 -0.71 6.40
CA LEU A 34 3.54 -1.70 5.80
C LEU A 34 2.79 -2.57 4.81
N LYS A 35 3.47 -2.81 3.68
CA LYS A 35 3.08 -3.84 2.72
C LYS A 35 3.58 -5.21 3.17
N SER A 36 4.77 -5.24 3.73
CA SER A 36 5.50 -6.49 3.94
C SER A 36 6.63 -6.26 4.92
N VAL A 37 7.14 -7.36 5.47
CA VAL A 37 8.37 -7.39 6.17
C VAL A 37 9.31 -8.44 5.59
N LYS A 38 10.59 -8.21 5.82
CA LYS A 38 11.64 -9.15 5.43
C LYS A 38 12.43 -9.47 6.69
N LEU A 39 12.46 -10.73 7.07
CA LEU A 39 13.21 -11.20 8.21
C LEU A 39 14.54 -11.71 7.71
N ARG A 40 15.65 -11.13 8.20
CA ARG A 40 16.99 -11.52 7.76
C ARG A 40 17.66 -12.29 8.90
N HIS A 41 17.87 -13.58 8.70
CA HIS A 41 18.47 -14.42 9.72
C HIS A 41 19.87 -13.90 10.08
N LEU A 42 20.13 -13.82 11.38
CA LEU A 42 21.47 -13.45 11.86
C LEU A 42 22.14 -14.64 12.52
N ARG A 43 21.46 -15.36 13.40
CA ARG A 43 22.05 -16.51 14.09
C ARG A 43 20.94 -17.36 14.71
N GLY A 44 21.26 -18.64 14.90
CA GLY A 44 20.42 -19.52 15.65
C GLY A 44 19.53 -20.43 14.81
N LEU A 45 18.97 -21.43 15.49
CA LEU A 45 18.04 -22.35 14.91
C LEU A 45 16.92 -22.65 15.91
N VAL A 46 15.70 -22.84 15.41
CA VAL A 46 14.58 -23.33 16.21
C VAL A 46 14.08 -24.67 15.66
N THR A 47 13.37 -25.41 16.50
CA THR A 47 12.70 -26.64 16.06
C THR A 47 11.42 -26.85 16.84
N CYS A 48 10.51 -27.59 16.20
CA CYS A 48 9.30 -28.03 16.77
C CYS A 48 9.37 -29.45 17.37
N GLN A 49 10.55 -30.09 17.28
CA GLN A 49 10.72 -31.42 17.87
C GLN A 49 12.21 -31.59 18.19
N SER A 50 12.58 -31.47 19.48
CA SER A 50 13.97 -31.39 19.86
CA SER A 50 13.95 -31.40 19.92
C SER A 50 14.64 -32.77 20.01
N SER A 51 13.89 -33.86 19.81
CA SER A 51 14.47 -35.19 19.90
C SER A 51 15.45 -35.50 18.77
N THR A 52 15.45 -34.68 17.74
CA THR A 52 16.27 -34.84 16.53
C THR A 52 16.75 -33.46 16.13
N ASP A 53 17.82 -33.39 15.34
CA ASP A 53 18.27 -32.15 14.72
C ASP A 53 17.65 -31.98 13.32
N ALA A 54 16.81 -32.91 12.88
CA ALA A 54 16.45 -32.96 11.50
C ALA A 54 15.60 -31.77 11.07
N HIS A 55 14.88 -31.14 12.02
CA HIS A 55 13.91 -30.10 11.66
C HIS A 55 14.41 -28.69 11.99
N ASP A 56 15.63 -28.62 12.51
CA ASP A 56 16.22 -27.35 12.94
C ASP A 56 16.18 -26.34 11.78
N SER A 57 15.74 -25.11 12.04
CA SER A 57 15.51 -24.21 10.95
C SER A 57 15.56 -22.75 11.42
N TYR A 58 15.50 -21.82 10.49
CA TYR A 58 15.40 -20.41 10.87
C TYR A 58 13.98 -20.02 11.26
N TRP A 59 12.98 -20.59 10.51
CA TRP A 59 11.64 -20.02 10.55
C TRP A 59 10.53 -20.99 10.87
N GLY A 60 10.86 -22.20 11.25
CA GLY A 60 9.78 -23.17 11.43
C GLY A 60 10.29 -24.51 11.88
N CYS A 61 9.88 -25.52 11.08
CA CYS A 61 10.17 -26.90 11.44
C CYS A 61 10.30 -27.62 10.09
N LYS A 62 11.53 -27.78 9.62
CA LYS A 62 11.72 -28.26 8.24
C LYS A 62 11.58 -29.78 8.18
N ASN A 63 11.10 -30.27 7.02
CA ASN A 63 11.04 -31.71 6.77
C ASN A 63 10.33 -32.50 7.88
N ARG A 64 9.21 -31.96 8.35
CA ARG A 64 8.54 -32.53 9.52
C ARG A 64 7.31 -33.37 9.12
C SNN A 65 5.78 -35.66 8.05
CA SNN A 65 6.22 -35.54 9.50
N SNN A 65 7.33 -34.61 9.67
C4 SNN A 65 4.96 -35.17 10.30
C5 SNN A 65 3.85 -35.29 9.25
O SNN A 65 6.48 -35.86 7.10
O5 SNN A 65 2.64 -35.15 9.39
N GLY A 66 4.40 -35.41 7.97
CA GLY A 66 3.64 -35.45 6.72
C GLY A 66 3.44 -34.11 6.06
N PHE A 67 4.19 -33.07 6.51
CA PHE A 67 3.95 -31.72 5.99
C PHE A 67 5.27 -31.00 5.65
N HIS A 68 6.10 -31.62 4.84
CA HIS A 68 7.35 -30.98 4.43
C HIS A 68 7.10 -29.72 3.60
N ASN A 69 5.92 -29.62 2.98
CA ASN A 69 5.49 -28.49 2.19
C ASN A 69 4.87 -27.34 3.03
N TYR A 70 4.82 -27.51 4.35
CA TYR A 70 4.38 -26.41 5.29
C TYR A 70 5.39 -26.26 6.40
N PRO A 71 6.60 -25.83 6.11
CA PRO A 71 7.69 -25.83 7.09
C PRO A 71 7.76 -24.53 7.93
N LEU A 72 7.02 -23.52 7.50
CA LEU A 72 7.13 -22.20 8.20
C LEU A 72 6.21 -22.16 9.41
N ASN A 73 6.68 -21.41 10.45
CA ASN A 73 5.86 -21.27 11.66
C ASN A 73 6.27 -19.99 12.40
N VAL A 74 6.54 -18.92 11.68
CA VAL A 74 6.84 -17.61 12.29
CA VAL A 74 6.79 -17.63 12.33
C VAL A 74 5.68 -16.69 11.91
N PHE A 75 5.27 -15.85 12.92
CA PHE A 75 4.21 -14.90 12.70
C PHE A 75 4.64 -13.57 13.31
N VAL A 76 4.44 -12.50 12.58
CA VAL A 76 4.73 -11.16 13.16
C VAL A 76 3.40 -10.53 13.51
N THR A 77 3.23 -10.27 14.84
CA THR A 77 1.98 -9.74 15.39
C THR A 77 2.20 -8.28 15.88
N ASP A 78 1.06 -7.65 16.15
CA ASP A 78 1.05 -6.42 16.95
C ASP A 78 1.23 -6.77 18.43
N LYS A 79 1.06 -5.70 19.26
CA LYS A 79 1.28 -5.86 20.74
C LYS A 79 0.12 -6.60 21.42
N HIS A 80 -0.93 -6.90 20.65
CA HIS A 80 -2.08 -7.66 21.11
C HIS A 80 -2.06 -9.09 20.58
N ASN A 81 -0.92 -9.49 19.96
CA ASN A 81 -0.72 -10.83 19.40
C ASN A 81 -1.67 -11.08 18.22
N LYS A 82 -2.15 -10.04 17.56
CA LYS A 82 -2.92 -10.19 16.33
C LYS A 82 -1.94 -10.26 15.15
N VAL A 83 -2.09 -11.28 14.30
CA VAL A 83 -1.10 -11.50 13.21
C VAL A 83 -1.21 -10.36 12.21
N MET A 84 -0.07 -9.77 11.85
CA MET A 84 -0.03 -8.78 10.76
C MET A 84 0.71 -9.36 9.53
N PHE A 85 1.63 -10.31 9.75
CA PHE A 85 2.42 -10.92 8.59
C PHE A 85 2.64 -12.36 8.99
N PRO A 86 2.43 -13.29 8.05
CA PRO A 86 1.76 -13.11 6.76
C PRO A 86 0.26 -13.02 6.94
N LYS A 87 -0.42 -12.30 6.03
CA LYS A 87 -1.87 -12.38 5.86
C LYS A 87 -2.28 -12.77 4.43
N THR A 88 -1.32 -12.80 3.50
CA THR A 88 -1.51 -13.29 2.17
CA THR A 88 -1.53 -13.29 2.18
C THR A 88 -0.25 -14.02 1.79
N GLY A 89 -0.38 -14.87 0.73
CA GLY A 89 0.76 -15.62 0.23
C GLY A 89 1.05 -16.94 0.94
N ALA A 90 0.35 -17.20 2.04
CA ALA A 90 0.58 -18.37 2.86
C ALA A 90 -0.54 -19.40 2.67
N THR A 91 -0.15 -20.67 2.51
CA THR A 91 -1.10 -21.78 2.58
C THR A 91 -0.76 -22.58 3.84
N TYR A 92 -1.81 -23.10 4.50
CA TYR A 92 -1.67 -23.68 5.84
C TYR A 92 -1.95 -25.17 5.82
N TYR A 93 -1.27 -25.92 6.69
CA TYR A 93 -1.54 -27.35 6.80
C TYR A 93 -2.77 -27.52 7.69
N LEU A 94 -3.76 -28.28 7.20
CA LEU A 94 -5.09 -28.29 7.84
C LEU A 94 -5.46 -29.62 8.46
N ASP A 95 -4.53 -30.56 8.55
CA ASP A 95 -4.86 -31.79 9.24
C ASP A 95 -5.26 -31.53 10.69
N PRO A 96 -6.40 -32.08 11.20
CA PRO A 96 -6.87 -31.71 12.54
C PRO A 96 -5.80 -31.93 13.64
N TYR A 97 -4.88 -32.87 13.49
CA TYR A 97 -3.88 -33.10 14.57
C TYR A 97 -3.10 -31.82 14.88
N VAL A 98 -2.79 -31.02 13.85
CA VAL A 98 -1.97 -29.86 14.01
C VAL A 98 -2.53 -28.61 13.35
N ILE A 99 -3.84 -28.57 13.05
CA ILE A 99 -4.40 -27.40 12.40
C ILE A 99 -4.15 -26.13 13.21
N LYS A 100 -4.32 -26.21 14.53
CA LYS A 100 -4.19 -25.04 15.36
C LYS A 100 -2.77 -24.50 15.45
N ASN A 101 -1.78 -25.35 15.14
CA ASN A 101 -0.40 -24.98 15.17
C ASN A 101 -0.02 -23.99 14.07
N ARG A 102 -0.77 -24.02 12.96
CA ARG A 102 -0.62 -23.09 11.84
C ARG A 102 0.76 -23.17 11.17
N PHE A 103 1.15 -24.41 10.83
CA PHE A 103 2.27 -24.59 9.88
C PHE A 103 1.81 -24.10 8.51
N TYR A 104 2.73 -23.45 7.80
CA TYR A 104 2.40 -22.88 6.52
C TYR A 104 3.62 -22.94 5.58
N GLY A 105 3.29 -22.60 4.30
CA GLY A 105 4.30 -22.38 3.29
C GLY A 105 4.01 -21.15 2.48
N VAL A 106 5.08 -20.58 1.95
CA VAL A 106 5.03 -19.46 1.05
C VAL A 106 5.88 -19.82 -0.17
N GLN A 107 5.25 -19.81 -1.34
CA GLN A 107 5.99 -20.30 -2.56
C GLN A 107 7.18 -19.38 -2.80
N GLY A 108 8.37 -20.00 -3.01
CA GLY A 108 9.55 -19.19 -3.18
C GLY A 108 10.45 -19.15 -1.96
N TYR A 109 9.91 -19.56 -0.82
CA TYR A 109 10.61 -19.52 0.49
C TYR A 109 10.51 -20.88 1.17
N ASN A 110 11.37 -21.07 2.17
CA ASN A 110 11.25 -22.27 3.03
C ASN A 110 11.85 -21.91 4.40
N ALA A 111 11.90 -22.89 5.29
CA ALA A 111 12.29 -22.58 6.67
C ALA A 111 13.78 -22.31 6.80
N MET A 112 14.58 -22.52 5.73
CA MET A 112 15.99 -22.18 5.69
C MET A 112 16.30 -20.96 4.83
N SER A 113 15.30 -20.22 4.38
CA SER A 113 15.58 -19.06 3.54
C SER A 113 16.43 -18.06 4.32
N PRO A 114 17.58 -17.56 3.83
CA PRO A 114 18.31 -16.59 4.61
C PRO A 114 17.52 -15.33 4.91
N GLU A 115 16.66 -14.95 3.98
CA GLU A 115 15.72 -13.85 4.18
C GLU A 115 14.33 -14.36 3.84
N LEU A 116 13.36 -14.11 4.72
CA LEU A 116 11.99 -14.55 4.57
C LEU A 116 11.12 -13.33 4.38
N VAL A 117 10.39 -13.18 3.27
CA VAL A 117 9.50 -12.10 3.03
C VAL A 117 8.09 -12.54 3.31
N LEU A 118 7.38 -11.75 4.16
CA LEU A 118 6.00 -12.03 4.55
C LEU A 118 5.14 -10.85 4.16
N GLN A 119 4.02 -11.13 3.49
CA GLN A 119 3.13 -10.10 2.99
C GLN A 119 2.02 -9.79 3.99
N HIS A 120 1.69 -8.51 4.09
CA HIS A 120 0.55 -8.05 4.93
C HIS A 120 -0.78 -8.14 4.19
N GLY A 121 -0.78 -8.09 2.86
CA GLY A 121 -1.96 -7.72 2.13
C GLY A 121 -2.29 -6.26 2.31
N CYS A 122 -3.50 -5.87 1.97
CA CYS A 122 -3.86 -4.47 1.99
C CYS A 122 -4.19 -3.97 3.40
N ASN A 123 -3.99 -2.68 3.54
CA ASN A 123 -4.08 -2.06 4.87
C ASN A 123 -5.45 -1.50 5.22
N SER A 124 -5.75 -1.59 6.51
CA SER A 124 -6.92 -0.95 7.11
CA SER A 124 -6.93 -0.96 7.11
C SER A 124 -6.41 0.02 8.17
N PRO A 125 -7.25 0.97 8.65
CA PRO A 125 -6.80 1.98 9.61
C PRO A 125 -6.02 1.43 10.80
N SER A 126 -6.50 0.36 11.40
CA SER A 126 -5.85 -0.09 12.64
C SER A 126 -4.48 -0.73 12.40
N ASP A 127 -4.09 -0.93 11.14
CA ASP A 127 -2.77 -1.48 10.82
C ASP A 127 -1.65 -0.45 10.87
N TYR A 128 -1.97 0.82 11.12
CA TYR A 128 -0.94 1.85 11.14
C TYR A 128 0.14 1.48 12.14
N ILE A 129 1.41 1.67 11.76
CA ILE A 129 2.54 1.56 12.64
C ILE A 129 2.92 2.98 13.09
N GLY A 130 2.69 3.26 14.37
CA GLY A 130 2.97 4.58 14.96
C GLY A 130 3.90 4.43 16.15
N PRO A 131 4.07 5.55 16.88
CA PRO A 131 4.92 5.55 18.06
C PRO A 131 4.56 4.53 19.15
N ASP A 132 3.28 4.19 19.24
CA ASP A 132 2.79 3.29 20.24
C ASP A 132 2.87 1.82 19.82
N SER A 133 3.22 1.55 18.56
CA SER A 133 3.14 0.14 18.06
C SER A 133 4.31 -0.68 18.59
N GLN A 134 4.09 -1.98 18.76
CA GLN A 134 5.12 -2.95 19.00
C GLN A 134 4.89 -4.10 18.04
N LEU A 135 5.96 -4.54 17.39
CA LEU A 135 5.87 -5.79 16.57
C LEU A 135 6.50 -6.92 17.37
N ARG A 136 5.92 -8.10 17.25
CA ARG A 136 6.37 -9.28 17.97
C ARG A 136 6.56 -10.41 16.93
N VAL A 137 7.78 -10.95 16.95
CA VAL A 137 8.07 -12.12 16.05
C VAL A 137 7.90 -13.36 16.90
N TRP A 138 6.85 -14.12 16.61
CA TRP A 138 6.47 -15.32 17.38
C TRP A 138 6.77 -16.60 16.58
N TYR A 139 7.10 -17.62 17.32
CA TYR A 139 6.97 -19.03 16.79
C TYR A 139 5.53 -19.42 16.93
N GLY A 140 4.88 -19.98 15.89
CA GLY A 140 3.47 -20.28 15.95
C GLY A 140 3.07 -21.24 17.03
N GLU A 141 3.81 -22.29 17.27
CA GLU A 141 3.41 -23.23 18.30
C GLU A 141 3.44 -22.52 19.67
N ASP A 142 4.39 -21.60 19.85
CA ASP A 142 4.42 -20.77 21.10
C ASP A 142 3.21 -19.86 21.15
N LEU A 143 2.93 -19.12 20.10
CA LEU A 143 1.81 -18.17 20.08
C LEU A 143 0.49 -18.87 20.40
N TYR A 144 0.26 -20.04 19.78
CA TYR A 144 -1.01 -20.75 19.88
C TYR A 144 -0.98 -21.81 21.01
N ASN A 145 0.14 -21.95 21.70
CA ASN A 145 0.26 -22.92 22.82
C ASN A 145 -0.08 -24.34 22.36
N THR A 146 0.43 -24.73 21.20
CA THR A 146 0.16 -26.03 20.62
C THR A 146 1.45 -26.86 20.58
N MET A 147 1.55 -27.90 21.40
CA MET A 147 2.65 -28.84 21.31
C MET A 147 4.02 -28.14 21.42
N GLU A 148 4.11 -27.16 22.31
CA GLU A 148 5.32 -26.37 22.39
C GLU A 148 6.37 -27.00 23.31
N SER A 149 6.01 -27.92 24.18
CA SER A 149 6.92 -28.32 25.24
C SER A 149 8.17 -29.05 24.74
N ASP A 150 8.08 -29.66 23.55
CA ASP A 150 9.20 -30.36 22.95
C ASP A 150 9.97 -29.48 21.97
N ASN A 151 9.75 -28.16 22.02
CA ASN A 151 10.45 -27.24 21.11
C ASN A 151 11.75 -26.76 21.73
N SER A 152 12.64 -26.22 20.90
CA SER A 152 13.86 -25.65 21.43
C SER A 152 14.46 -24.68 20.43
N GLY A 153 15.48 -23.96 20.90
CA GLY A 153 16.26 -23.04 20.08
C GLY A 153 15.86 -21.59 20.22
N LYS A 154 16.60 -20.73 19.53
CA LYS A 154 16.44 -19.31 19.55
C LYS A 154 17.04 -18.77 18.27
N VAL A 155 16.29 -17.93 17.55
CA VAL A 155 16.75 -17.32 16.31
C VAL A 155 16.72 -15.82 16.53
N CYS A 156 17.81 -15.17 16.05
CA CYS A 156 17.87 -13.73 15.99
C CYS A 156 17.87 -13.27 14.55
N ALA A 157 17.18 -12.16 14.30
CA ALA A 157 16.99 -11.64 12.94
C ALA A 157 16.95 -10.12 12.97
N ASP A 158 17.25 -9.52 11.82
CA ASP A 158 16.85 -8.16 11.55
C ASP A 158 15.50 -8.15 10.84
N VAL A 159 14.74 -7.06 10.99
CA VAL A 159 13.44 -6.95 10.44
C VAL A 159 13.33 -5.70 9.60
N PHE A 160 13.13 -5.88 8.29
CA PHE A 160 12.98 -4.80 7.37
C PHE A 160 11.51 -4.63 6.99
N GLY A 161 11.12 -3.40 6.65
CA GLY A 161 9.80 -3.12 6.19
C GLY A 161 9.77 -2.37 4.85
N TYR A 162 8.63 -2.48 4.17
CA TYR A 162 8.35 -1.75 2.96
C TYR A 162 7.04 -0.99 3.15
N PHE A 163 7.11 0.35 3.11
CA PHE A 163 5.97 1.23 3.43
C PHE A 163 5.27 1.70 2.16
N VAL A 164 3.95 1.84 2.30
CA VAL A 164 3.02 2.19 1.24
C VAL A 164 2.05 3.32 1.65
N PCA B 1 -6.80 -7.78 -9.26
CA PCA B 1 -7.31 -8.22 -7.98
CB PCA B 1 -6.19 -9.10 -7.40
CG PCA B 1 -4.99 -8.96 -8.39
CD PCA B 1 -5.54 -8.16 -9.56
OE PCA B 1 -4.93 -7.83 -10.59
C PCA B 1 -7.71 -7.00 -7.16
O PCA B 1 -7.15 -5.89 -7.27
N ARG B 2 -8.65 -7.21 -6.24
CA ARG B 2 -9.09 -6.22 -5.28
C ARG B 2 -7.91 -5.56 -4.55
N CYS B 3 -6.92 -6.38 -4.16
CA CYS B 3 -5.70 -5.86 -3.56
C CYS B 3 -4.58 -6.25 -4.53
N GLY B 4 -4.21 -5.32 -5.40
CA GLY B 4 -3.10 -5.53 -6.28
C GLY B 4 -3.34 -5.21 -7.75
N GLY B 5 -4.58 -5.10 -8.21
CA GLY B 5 -4.88 -4.73 -9.60
C GLY B 5 -5.50 -3.35 -9.63
N TRP B 6 -5.84 -2.87 -10.83
CA TRP B 6 -6.69 -1.67 -10.91
C TRP B 6 -8.13 -2.02 -10.54
N VAL B 7 -8.68 -1.33 -9.57
CA VAL B 7 -10.04 -1.56 -9.08
C VAL B 7 -10.89 -0.35 -9.44
N LYS B 8 -12.00 -0.59 -10.16
CA LYS B 8 -12.87 0.50 -10.54
C LYS B 8 -13.55 1.08 -9.29
N LEU B 9 -13.41 2.38 -9.08
CA LEU B 9 -13.92 3.00 -7.86
C LEU B 9 -15.29 3.63 -8.07
N ASN B 10 -15.58 4.07 -9.29
CA ASN B 10 -16.86 4.72 -9.61
C ASN B 10 -17.84 3.67 -10.19
N THR B 11 -19.09 4.09 -10.32
CA THR B 11 -20.12 3.29 -11.01
C THR B 11 -20.39 3.95 -12.35
N ALA B 12 -21.21 4.98 -12.33
CA ALA B 12 -21.46 5.81 -13.51
C ALA B 12 -20.22 6.67 -13.85
N PRO B 13 -20.05 7.15 -15.10
CA PRO B 13 -18.92 8.02 -15.43
C PRO B 13 -18.87 9.23 -14.50
N VAL B 14 -17.64 9.65 -14.21
CA VAL B 14 -17.30 10.77 -13.39
C VAL B 14 -17.02 11.94 -14.31
N CYS B 15 -17.89 12.97 -14.24
CA CYS B 15 -17.84 14.04 -15.21
C CYS B 15 -17.50 15.36 -14.50
N PHE B 16 -16.48 16.04 -15.03
CA PHE B 16 -16.04 17.34 -14.48
C PHE B 16 -16.08 18.39 -15.57
N SER B 17 -16.46 19.60 -15.14
CA SER B 17 -16.36 20.78 -15.98
C SER B 17 -15.08 21.54 -15.61
N ALA B 18 -14.86 22.69 -16.28
CA ALA B 18 -13.62 23.43 -16.09
C ALA B 18 -13.82 24.78 -15.40
N LYS B 19 -15.03 25.05 -14.92
CA LYS B 19 -15.35 26.26 -14.18
C LYS B 19 -16.65 26.05 -13.42
N GLY B 20 -16.92 26.94 -12.49
CA GLY B 20 -18.21 26.96 -11.81
C GLY B 20 -18.32 26.02 -10.62
N ASN B 21 -17.19 25.56 -10.08
CA ASN B 21 -17.15 24.63 -8.97
C ASN B 21 -17.96 23.40 -9.33
N ARG B 22 -17.53 22.74 -10.41
CA ARG B 22 -18.23 21.58 -10.92
C ARG B 22 -17.30 20.38 -11.12
N PRO B 23 -16.68 19.88 -10.03
CA PRO B 23 -15.90 18.65 -10.12
C PRO B 23 -16.83 17.46 -10.37
N GLY B 24 -16.21 16.36 -10.75
CA GLY B 24 -16.97 15.11 -10.74
C GLY B 24 -16.81 14.39 -9.41
N SER B 25 -17.93 14.17 -8.73
CA SER B 25 -17.88 13.71 -7.35
C SER B 25 -18.49 12.32 -7.23
N PHE B 26 -17.95 11.46 -6.40
CA PHE B 26 -18.53 10.12 -6.21
C PHE B 26 -18.00 9.50 -4.92
N THR B 27 -18.80 8.55 -4.36
CA THR B 27 -18.30 7.82 -3.20
C THR B 27 -17.72 6.50 -3.72
N PRO B 28 -16.49 6.22 -3.39
CA PRO B 28 -15.80 5.08 -3.95
C PRO B 28 -16.48 3.81 -3.52
N SER B 29 -16.47 2.82 -4.39
CA SER B 29 -17.15 1.55 -4.18
C SER B 29 -16.32 0.61 -3.28
N HIS B 30 -15.04 0.91 -3.07
CA HIS B 30 -14.10 0.08 -2.30
C HIS B 30 -13.32 1.00 -1.36
N HIS B 31 -12.99 0.49 -0.17
CA HIS B 31 -12.41 1.31 0.92
C HIS B 31 -11.01 0.83 1.24
N GLY B 32 -10.18 1.77 1.72
CA GLY B 32 -8.82 1.45 2.10
C GLY B 32 -7.89 2.59 1.78
N PHE B 33 -6.66 2.21 1.46
CA PHE B 33 -5.59 3.16 1.17
C PHE B 33 -5.11 2.91 -0.25
N LEU B 34 -4.93 4.01 -0.99
CA LEU B 34 -4.49 3.95 -2.38
C LEU B 34 -3.06 4.44 -2.53
N LYS B 35 -2.33 3.75 -3.44
CA LYS B 35 -1.06 4.27 -3.93
C LYS B 35 -1.24 5.26 -5.07
N SER B 36 -2.22 4.97 -5.91
CA SER B 36 -2.36 5.70 -7.14
C SER B 36 -3.80 5.54 -7.65
N VAL B 37 -4.16 6.45 -8.56
CA VAL B 37 -5.40 6.29 -9.33
C VAL B 37 -5.01 6.35 -10.81
N LYS B 38 -5.88 5.73 -11.60
CA LYS B 38 -5.85 5.78 -13.05
C LYS B 38 -7.16 6.38 -13.54
N LEU B 39 -7.07 7.52 -14.25
CA LEU B 39 -8.22 8.14 -14.87
C LEU B 39 -8.26 7.66 -16.34
N ARG B 40 -9.44 7.16 -16.74
CA ARG B 40 -9.59 6.71 -18.11
C ARG B 40 -10.59 7.62 -18.80
N HIS B 41 -10.17 8.32 -19.85
CA HIS B 41 -11.04 9.18 -20.59
C HIS B 41 -12.16 8.36 -21.23
N LEU B 42 -13.41 8.81 -21.10
CA LEU B 42 -14.50 8.20 -21.80
C LEU B 42 -15.00 9.12 -22.89
N ARG B 43 -15.37 10.35 -22.57
CA ARG B 43 -15.98 11.22 -23.55
C ARG B 43 -15.75 12.65 -23.06
N GLY B 44 -15.79 13.58 -24.00
CA GLY B 44 -15.79 14.97 -23.73
C GLY B 44 -14.40 15.55 -23.85
N LEU B 45 -14.36 16.88 -23.82
CA LEU B 45 -13.11 17.63 -23.83
C LEU B 45 -13.30 18.86 -22.93
N VAL B 46 -12.22 19.31 -22.30
CA VAL B 46 -12.20 20.58 -21.53
C VAL B 46 -11.09 21.46 -22.09
N THR B 47 -11.20 22.77 -21.82
CA THR B 47 -10.17 23.71 -22.21
C THR B 47 -10.08 24.84 -21.17
N CYS B 48 -8.89 25.42 -21.12
CA CYS B 48 -8.61 26.59 -20.28
C CYS B 48 -8.74 27.92 -21.04
N GLN B 49 -9.02 27.88 -22.36
CA GLN B 49 -9.23 29.15 -23.10
C GLN B 49 -10.12 28.80 -24.31
N SER B 50 -11.38 29.23 -24.24
CA SER B 50 -12.44 28.73 -25.08
C SER B 50 -12.55 29.47 -26.42
N SER B 51 -11.66 30.43 -26.72
CA SER B 51 -11.93 31.24 -27.92
C SER B 51 -11.75 30.36 -29.19
N THR B 52 -10.99 29.25 -29.08
CA THR B 52 -10.87 28.24 -30.12
C THR B 52 -10.98 26.84 -29.48
N ASP B 53 -11.07 25.79 -30.31
CA ASP B 53 -11.04 24.42 -29.81
C ASP B 53 -9.58 23.90 -29.76
N ALA B 54 -8.59 24.77 -29.91
CA ALA B 54 -7.21 24.34 -30.04
C ALA B 54 -6.69 23.57 -28.83
N HIS B 55 -7.16 23.93 -27.64
CA HIS B 55 -6.55 23.43 -26.35
C HIS B 55 -7.39 22.30 -25.75
N ASP B 56 -8.50 21.96 -26.40
CA ASP B 56 -9.49 21.01 -25.93
C ASP B 56 -8.75 19.70 -25.67
N SER B 57 -8.90 19.14 -24.48
CA SER B 57 -8.13 18.02 -24.06
C SER B 57 -8.94 17.20 -23.07
N TYR B 58 -8.35 16.08 -22.67
CA TYR B 58 -8.99 15.25 -21.64
C TYR B 58 -8.72 15.79 -20.22
N TRP B 59 -7.46 16.23 -20.00
CA TRP B 59 -6.97 16.41 -18.61
C TRP B 59 -6.43 17.80 -18.29
N GLY B 60 -6.55 18.76 -19.20
CA GLY B 60 -5.89 20.04 -18.93
C GLY B 60 -6.13 21.05 -20.03
N CYS B 61 -5.03 21.48 -20.60
CA CYS B 61 -5.08 22.55 -21.57
C CYS B 61 -3.89 22.30 -22.49
N LYS B 62 -4.15 21.68 -23.66
CA LYS B 62 -3.07 21.16 -24.50
C LYS B 62 -2.55 22.32 -25.35
N ASN B 63 -1.25 22.22 -25.69
CA ASN B 63 -0.55 23.16 -26.58
C ASN B 63 -0.93 24.61 -26.24
N ARG B 64 -0.83 24.98 -24.96
CA ARG B 64 -1.24 26.31 -24.49
C ARG B 64 -0.03 27.15 -24.11
C SNN B 65 2.33 28.85 -24.20
CA SNN B 65 1.00 29.36 -24.42
N SNN B 65 -0.03 28.38 -24.72
C4 SNN B 65 0.77 30.00 -23.05
C5 SNN B 65 2.07 29.89 -22.29
O SNN B 65 2.93 28.23 -25.10
O5 SNN B 65 2.46 30.21 -21.14
N GLY B 66 3.50 28.82 -23.38
CA GLY B 66 4.60 28.66 -22.45
C GLY B 66 4.63 27.29 -21.79
N PHE B 67 3.50 26.57 -21.74
CA PHE B 67 3.45 25.37 -20.94
C PHE B 67 2.90 24.22 -21.78
N HIS B 68 3.44 24.08 -23.00
CA HIS B 68 3.08 22.83 -23.75
C HIS B 68 3.49 21.57 -22.96
N ASN B 69 4.60 21.65 -22.23
CA ASN B 69 5.20 20.57 -21.46
C ASN B 69 4.56 20.36 -20.08
N TYR B 70 3.66 21.26 -19.67
CA TYR B 70 2.91 21.12 -18.37
C TYR B 70 1.44 21.28 -18.71
N PRO B 71 0.80 20.36 -19.44
CA PRO B 71 -0.55 20.57 -19.97
C PRO B 71 -1.63 20.06 -19.01
N LEU B 72 -1.18 19.33 -17.99
CA LEU B 72 -2.18 18.68 -17.10
C LEU B 72 -2.74 19.65 -16.04
N ASN B 73 -4.03 19.46 -15.73
CA ASN B 73 -4.66 20.35 -14.70
C ASN B 73 -5.85 19.63 -14.09
N VAL B 74 -5.67 18.35 -13.79
CA VAL B 74 -6.70 17.59 -13.12
C VAL B 74 -6.14 17.18 -11.75
N PHE B 75 -7.05 17.26 -10.75
CA PHE B 75 -6.69 16.91 -9.40
C PHE B 75 -7.79 16.05 -8.78
N VAL B 76 -7.42 15.04 -8.02
CA VAL B 76 -8.40 14.23 -7.31
C VAL B 76 -8.27 14.59 -5.82
N THR B 77 -9.41 15.11 -5.29
CA THR B 77 -9.42 15.57 -3.88
C THR B 77 -10.35 14.68 -3.08
N ASP B 78 -10.27 14.89 -1.74
CA ASP B 78 -11.29 14.39 -0.85
C ASP B 78 -12.47 15.38 -0.80
N LYS B 79 -13.39 15.07 0.16
CA LYS B 79 -14.65 15.81 0.22
C LYS B 79 -14.46 17.22 0.82
N HIS B 80 -13.22 17.51 1.23
CA HIS B 80 -12.86 18.86 1.75
C HIS B 80 -11.98 19.59 0.76
N ASN B 81 -11.87 19.04 -0.50
CA ASN B 81 -11.09 19.63 -1.56
C ASN B 81 -9.59 19.60 -1.27
N LYS B 82 -9.14 18.69 -0.39
CA LYS B 82 -7.71 18.49 -0.18
C LYS B 82 -7.17 17.52 -1.26
N VAL B 83 -6.12 17.93 -1.94
CA VAL B 83 -5.60 17.08 -3.06
C VAL B 83 -5.05 15.80 -2.44
N MET B 84 -5.45 14.66 -3.08
CA MET B 84 -4.87 13.34 -2.74
C MET B 84 -4.03 12.81 -3.93
N PHE B 85 -4.37 13.22 -5.19
CA PHE B 85 -3.62 12.74 -6.40
C PHE B 85 -3.59 13.89 -7.36
N PRO B 86 -2.42 14.16 -7.97
CA PRO B 86 -1.11 13.66 -7.62
C PRO B 86 -0.56 14.35 -6.35
N LYS B 87 0.29 13.62 -5.65
CA LYS B 87 1.12 14.21 -4.59
C LYS B 87 2.63 13.96 -4.82
N THR B 88 2.96 13.11 -5.77
CA THR B 88 4.36 12.88 -6.16
CA THR B 88 4.36 12.94 -6.18
C THR B 88 4.34 12.68 -7.69
N GLY B 89 5.50 12.85 -8.33
CA GLY B 89 5.62 12.54 -9.77
C GLY B 89 5.18 13.64 -10.71
N ALA B 90 4.67 14.72 -10.18
CA ALA B 90 4.16 15.84 -10.95
C ALA B 90 5.15 17.00 -10.83
N THR B 91 5.43 17.63 -11.97
CA THR B 91 6.30 18.83 -12.01
C THR B 91 5.39 19.99 -12.37
N TYR B 92 5.36 21.01 -11.50
CA TYR B 92 4.45 22.14 -11.69
C TYR B 92 5.09 23.26 -12.49
N TYR B 93 4.25 23.93 -13.29
CA TYR B 93 4.66 25.08 -14.02
C TYR B 93 4.59 26.31 -13.09
N LEU B 94 5.67 27.06 -12.96
CA LEU B 94 5.82 28.09 -11.90
C LEU B 94 5.89 29.51 -12.44
N ASP B 95 5.56 29.73 -13.72
CA ASP B 95 5.55 31.13 -14.21
C ASP B 95 4.64 31.95 -13.30
N PRO B 96 5.07 33.10 -12.78
CA PRO B 96 4.28 33.82 -11.78
C PRO B 96 2.86 34.13 -12.26
N TYR B 97 2.65 34.38 -13.53
CA TYR B 97 1.32 34.73 -14.02
C TYR B 97 0.31 33.61 -13.73
N VAL B 98 0.73 32.35 -13.83
CA VAL B 98 -0.18 31.21 -13.65
C VAL B 98 0.26 30.20 -12.59
N ILE B 99 1.15 30.56 -11.66
CA ILE B 99 1.62 29.60 -10.66
C ILE B 99 0.43 29.02 -9.85
N LYS B 100 -0.52 29.85 -9.47
CA LYS B 100 -1.61 29.38 -8.64
C LYS B 100 -2.56 28.42 -9.38
N ASN B 101 -2.51 28.48 -10.71
CA ASN B 101 -3.40 27.65 -11.52
C ASN B 101 -2.98 26.17 -11.46
N ARG B 102 -1.70 25.90 -11.14
CA ARG B 102 -1.18 24.55 -10.93
C ARG B 102 -1.28 23.65 -12.16
N PHE B 103 -0.83 24.20 -13.29
CA PHE B 103 -0.53 23.34 -14.44
C PHE B 103 0.68 22.48 -14.10
N TYR B 104 0.69 21.24 -14.63
CA TYR B 104 1.76 20.31 -14.31
C TYR B 104 1.96 19.31 -15.47
N GLY B 105 3.10 18.62 -15.36
CA GLY B 105 3.38 17.49 -16.26
C GLY B 105 3.71 16.26 -15.45
N VAL B 106 3.49 15.09 -16.07
CA VAL B 106 3.87 13.80 -15.56
C VAL B 106 4.54 13.07 -16.72
N GLN B 107 5.75 12.55 -16.48
CA GLN B 107 6.45 11.88 -17.56
C GLN B 107 5.64 10.71 -18.10
N GLY B 108 5.59 10.62 -19.45
CA GLY B 108 4.95 9.55 -20.14
C GLY B 108 3.47 9.76 -20.37
N TYR B 109 2.94 10.92 -19.91
CA TYR B 109 1.55 11.23 -20.12
C TYR B 109 1.44 12.69 -20.62
N ASN B 110 0.31 12.99 -21.27
CA ASN B 110 0.01 14.37 -21.67
C ASN B 110 -1.49 14.56 -21.50
N ALA B 111 -1.97 15.76 -21.87
CA ALA B 111 -3.37 16.06 -21.63
C ALA B 111 -4.37 15.28 -22.52
N MET B 112 -3.84 14.53 -23.53
CA MET B 112 -4.68 13.64 -24.47
C MET B 112 -4.42 12.14 -24.15
N SER B 113 -3.62 11.84 -23.13
CA SER B 113 -3.40 10.41 -22.77
C SER B 113 -4.73 9.75 -22.51
N PRO B 114 -5.04 8.61 -23.16
CA PRO B 114 -6.32 7.98 -22.92
C PRO B 114 -6.49 7.61 -21.45
N GLU B 115 -5.39 7.24 -20.80
CA GLU B 115 -5.42 6.98 -19.37
C GLU B 115 -4.28 7.74 -18.71
N LEU B 116 -4.55 8.29 -17.52
CA LEU B 116 -3.57 9.13 -16.80
C LEU B 116 -3.42 8.50 -15.42
N VAL B 117 -2.20 8.15 -15.02
CA VAL B 117 -1.95 7.56 -13.70
C VAL B 117 -1.31 8.66 -12.83
N LEU B 118 -1.92 8.87 -11.65
CA LEU B 118 -1.47 9.90 -10.69
C LEU B 118 -1.09 9.21 -9.38
N GLN B 119 0.12 9.49 -8.87
CA GLN B 119 0.63 8.87 -7.67
C GLN B 119 0.27 9.66 -6.40
N HIS B 120 -0.08 8.93 -5.34
CA HIS B 120 -0.34 9.53 -4.03
C HIS B 120 0.92 9.68 -3.19
N GLY B 121 1.96 8.91 -3.38
CA GLY B 121 2.97 8.79 -2.35
C GLY B 121 2.49 7.89 -1.23
N CYS B 122 3.25 7.81 -0.14
CA CYS B 122 2.86 6.93 0.93
C CYS B 122 1.69 7.50 1.74
N ASN B 123 1.07 6.59 2.45
CA ASN B 123 -0.18 6.91 3.17
C ASN B 123 0.05 7.25 4.65
N SER B 124 -0.81 8.17 5.10
CA SER B 124 -0.95 8.52 6.51
CA SER B 124 -0.97 8.56 6.51
C SER B 124 -2.36 8.15 6.91
N PRO B 125 -2.67 8.14 8.24
CA PRO B 125 -4.01 7.77 8.69
C PRO B 125 -5.13 8.58 8.03
N SER B 126 -4.93 9.87 7.81
CA SER B 126 -6.01 10.67 7.32
C SER B 126 -6.29 10.45 5.83
N ASP B 127 -5.52 9.59 5.18
CA ASP B 127 -5.69 9.26 3.76
C ASP B 127 -6.66 8.10 3.55
N TYR B 128 -7.25 7.55 4.61
CA TYR B 128 -8.19 6.49 4.49
C TYR B 128 -9.40 6.92 3.65
N ILE B 129 -9.76 6.08 2.69
CA ILE B 129 -10.94 6.27 1.87
C ILE B 129 -11.97 5.25 2.36
N GLY B 130 -13.00 5.74 3.03
CA GLY B 130 -13.97 4.94 3.72
C GLY B 130 -15.40 5.27 3.32
N PRO B 131 -16.36 4.69 4.05
CA PRO B 131 -17.77 4.87 3.72
C PRO B 131 -18.28 6.33 3.76
N ASP B 132 -17.62 7.21 4.52
CA ASP B 132 -17.99 8.59 4.61
C ASP B 132 -17.26 9.43 3.56
N SER B 133 -16.39 8.83 2.75
CA SER B 133 -15.56 9.62 1.85
C SER B 133 -16.31 10.01 0.58
N GLN B 134 -15.82 11.08 -0.06
CA GLN B 134 -16.25 11.45 -1.40
C GLN B 134 -14.98 11.86 -2.15
N LEU B 135 -14.68 11.20 -3.27
CA LEU B 135 -13.59 11.67 -4.13
C LEU B 135 -14.12 12.68 -5.15
N ARG B 136 -13.32 13.68 -5.50
CA ARG B 136 -13.77 14.69 -6.41
C ARG B 136 -12.65 14.86 -7.45
N VAL B 137 -13.07 14.80 -8.72
CA VAL B 137 -12.15 15.07 -9.83
C VAL B 137 -12.37 16.49 -10.29
N TRP B 138 -11.37 17.33 -10.04
CA TRP B 138 -11.43 18.77 -10.32
C TRP B 138 -10.54 19.15 -11.50
N TYR B 139 -10.97 20.18 -12.20
CA TYR B 139 -10.12 20.96 -13.04
C TYR B 139 -9.38 21.97 -12.20
N GLY B 140 -8.06 22.09 -12.27
CA GLY B 140 -7.28 22.94 -11.36
C GLY B 140 -7.71 24.40 -11.39
N GLU B 141 -7.95 24.98 -12.56
CA GLU B 141 -8.29 26.39 -12.57
C GLU B 141 -9.62 26.57 -11.85
N ASP B 142 -10.53 25.59 -11.96
CA ASP B 142 -11.82 25.67 -11.23
C ASP B 142 -11.56 25.51 -9.74
N LEU B 143 -10.77 24.54 -9.29
CA LEU B 143 -10.49 24.30 -7.86
C LEU B 143 -9.89 25.55 -7.23
N TYR B 144 -8.94 26.19 -7.91
CA TYR B 144 -8.20 27.30 -7.34
C TYR B 144 -8.79 28.66 -7.74
N ASN B 145 -9.86 28.66 -8.52
CA ASN B 145 -10.54 29.89 -8.93
C ASN B 145 -9.56 30.84 -9.63
N THR B 146 -8.75 30.30 -10.54
CA THR B 146 -7.74 31.08 -11.27
C THR B 146 -8.12 31.11 -12.74
N MET B 147 -8.50 32.27 -13.23
CA MET B 147 -8.72 32.47 -14.68
C MET B 147 -9.69 31.44 -15.26
N GLU B 148 -10.78 31.17 -14.52
CA GLU B 148 -11.65 30.09 -14.90
C GLU B 148 -12.74 30.58 -15.88
N SER B 149 -12.97 31.89 -16.00
CA SER B 149 -14.17 32.35 -16.68
C SER B 149 -14.16 32.07 -18.18
N ASP B 150 -12.98 31.92 -18.76
CA ASP B 150 -12.84 31.63 -20.18
C ASP B 150 -12.69 30.12 -20.47
N ASN B 151 -12.98 29.28 -19.48
CA ASN B 151 -12.87 27.81 -19.66
C ASN B 151 -14.19 27.25 -20.17
N SER B 152 -14.18 26.05 -20.74
CA SER B 152 -15.39 25.40 -21.16
C SER B 152 -15.14 23.90 -21.29
N GLY B 153 -16.24 23.16 -21.50
CA GLY B 153 -16.19 21.76 -21.75
C GLY B 153 -16.54 20.89 -20.56
N LYS B 154 -16.59 19.57 -20.76
CA LYS B 154 -16.94 18.64 -19.75
C LYS B 154 -16.33 17.31 -20.18
N VAL B 155 -15.54 16.68 -19.30
CA VAL B 155 -14.97 15.39 -19.53
C VAL B 155 -15.57 14.38 -18.56
N CYS B 156 -15.89 13.20 -19.09
CA CYS B 156 -16.28 12.08 -18.27
C CYS B 156 -15.21 10.98 -18.33
N ALA B 157 -14.99 10.36 -17.15
CA ALA B 157 -13.89 9.38 -16.98
C ALA B 157 -14.38 8.26 -16.06
N ASP B 158 -13.73 7.12 -16.18
CA ASP B 158 -13.74 6.09 -15.18
C ASP B 158 -12.51 6.29 -14.28
N VAL B 159 -12.64 5.89 -13.00
CA VAL B 159 -11.57 6.12 -12.06
C VAL B 159 -11.22 4.80 -11.38
N PHE B 160 -9.96 4.39 -11.56
CA PHE B 160 -9.49 3.15 -10.96
C PHE B 160 -8.50 3.45 -9.85
N GLY B 161 -8.43 2.58 -8.85
CA GLY B 161 -7.45 2.69 -7.79
C GLY B 161 -6.59 1.47 -7.64
N TYR B 162 -5.38 1.70 -7.15
CA TYR B 162 -4.44 0.63 -6.77
C TYR B 162 -4.32 0.63 -5.23
N PHE B 163 -4.95 -0.32 -4.59
CA PHE B 163 -4.98 -0.43 -3.13
C PHE B 163 -3.72 -1.10 -2.61
N VAL B 164 -3.30 -0.61 -1.42
CA VAL B 164 -2.14 -1.03 -0.70
C VAL B 164 -2.43 -1.25 0.79
C2 BGC C . 4.59 -37.70 19.38
C3 BGC C . 5.32 -36.54 18.72
C4 BGC C . 4.46 -35.29 18.81
C5 BGC C . 4.13 -35.05 20.29
C6 BGC C . 3.25 -33.82 20.54
C1 BGC C . 4.29 -37.34 20.82
O1 BGC C . 3.58 -38.42 21.38
O2 BGC C . 5.44 -38.85 19.35
O3 BGC C . 5.57 -36.82 17.35
O4 BGC C . 5.28 -34.22 18.35
O5 BGC C . 3.46 -36.19 20.83
O6 BGC C . 2.98 -33.63 21.92
C1 GAL C . 4.58 -33.25 17.63
C2 GAL C . 5.39 -31.97 17.66
C3 GAL C . 4.66 -30.92 16.87
C4 GAL C . 4.37 -31.40 15.45
C5 GAL C . 3.78 -32.79 15.44
C6 GAL C . 3.68 -33.34 14.03
O2 GAL C . 5.52 -31.41 18.98
O3 GAL C . 5.46 -29.72 16.91
O4 GAL C . 5.62 -31.42 14.71
O5 GAL C . 4.56 -33.69 16.25
O6 GAL C . 2.89 -34.54 13.99
C2 BGC D . -5.74 37.06 -22.19
C3 BGC D . -5.80 35.54 -22.13
C4 BGC D . -5.78 35.12 -20.65
C5 BGC D . -6.83 35.85 -19.84
C6 BGC D . -6.93 35.53 -18.34
C1 BGC D . -6.98 37.55 -21.42
O1 BGC D . -7.20 38.91 -21.68
O2 BGC D . -5.78 37.52 -23.52
O3 BGC D . -4.76 34.92 -22.87
O4 BGC D . -6.15 33.72 -20.68
O5 BGC D . -6.67 37.27 -20.06
O6 BGC D . -8.04 36.12 -17.72
C1 GAL D . -5.42 32.93 -19.77
C2 GAL D . -6.23 31.66 -19.54
C3 GAL D . -5.49 30.76 -18.59
C4 GAL D . -4.07 30.52 -19.05
C5 GAL D . -3.39 31.81 -19.38
C6 GAL D . -1.98 31.55 -19.97
O2 GAL D . -7.54 31.85 -18.95
O3 GAL D . -6.29 29.58 -18.44
O4 GAL D . -4.06 29.64 -20.20
O5 GAL D . -4.18 32.53 -20.34
O6 GAL D . -1.34 32.76 -20.13
CA CA E . 6.46 -29.14 19.09
CA CA F . 3.26 -20.28 24.43
N1 EPE G . 0.09 -1.44 -11.32
C2 EPE G . 0.78 -2.64 -11.77
C3 EPE G . -0.01 -3.38 -12.86
N4 EPE G . -1.27 -3.76 -12.30
C5 EPE G . -1.99 -2.58 -11.86
C6 EPE G . -1.26 -1.66 -10.89
C7 EPE G . -2.24 -4.40 -13.25
C8 EPE G . -2.28 -5.90 -13.10
O8 EPE G . -2.32 -6.38 -11.73
C9 EPE G . 1.07 -0.64 -10.63
C10 EPE G . 0.45 0.66 -10.21
S EPE G . 1.68 1.84 -9.77
O1S EPE G . 2.51 1.98 -11.02
O2S EPE G . 2.58 1.23 -8.81
O3S EPE G . 0.95 2.94 -9.32
CA CA H . -8.70 29.85 -18.26
CA CA I . -14.11 27.54 -9.20
#